data_5V8E
#
_entry.id   5V8E
#
_cell.length_a   133.760
_cell.length_b   133.760
_cell.length_c   87.311
_cell.angle_alpha   90.00
_cell.angle_beta   90.00
_cell.angle_gamma   120.00
#
_symmetry.space_group_name_H-M   'P 63'
#
loop_
_entity.id
_entity.type
_entity.pdbx_description
1 polymer 'Bacillus cereus PatB1'
2 non-polymer 'CITRIC ACID'
3 non-polymer 'SODIUM ION'
4 non-polymer DI(HYDROXYETHYL)ETHER
5 water water
#
_entity_poly.entity_id   1
_entity_poly.type   'polypeptide(L)'
_entity_poly.pdbx_seq_one_letter_code
;SLINDIILTDDKWLLKNPAWTKKYNEIEQSMPAINDLSQFLKEQNVEFYFALPPSKTNALSFKLPSHIHTYAQENLNYFL
KKLPADVKPIKLMEHFKQNYTNEEIQDMYFKTDHHWNMDGAFLGYQYIMNTIGQQSSIYKGKEIAAADYTRTCAQNKHLV
GSFNNQLYQLIDANGEKLCYYTPKDGFNFTSVTAKDVQGTVHQNLDEIYGVEAAADTTSYAGYYTDDYPEIVIENNNAQN
EVRALVLKDSFANAIVPHLAQSFKHTSILDLRHYHEKDVYQYIQDNNINMVLFVYSDSNLSGDMFKFKK
;
_entity_poly.pdbx_strand_id   A,B
#
loop_
_chem_comp.id
_chem_comp.type
_chem_comp.name
_chem_comp.formula
CIT non-polymer 'CITRIC ACID' 'C6 H8 O7'
NA non-polymer 'SODIUM ION' 'Na 1'
PEG non-polymer DI(HYDROXYETHYL)ETHER 'C4 H10 O3'
#
# COMPACT_ATOMS: atom_id res chain seq x y z
N ASN A 4 -22.28 7.63 29.42
CA ASN A 4 -21.24 7.69 30.44
C ASN A 4 -19.98 6.91 30.07
N ASP A 5 -19.09 7.55 29.31
CA ASP A 5 -17.91 6.91 28.75
C ASP A 5 -16.81 6.59 29.76
N ILE A 6 -15.80 5.82 29.35
CA ILE A 6 -14.61 5.62 30.18
C ILE A 6 -13.34 5.67 29.34
N ILE A 7 -12.32 6.34 29.88
CA ILE A 7 -11.08 6.58 29.16
C ILE A 7 -9.94 5.84 29.85
N LEU A 8 -9.15 5.11 29.07
CA LEU A 8 -7.96 4.46 29.57
C LEU A 8 -6.70 5.11 29.05
N THR A 9 -5.73 5.43 29.92
CA THR A 9 -4.38 5.86 29.50
C THR A 9 -3.29 4.89 29.97
N ASP A 10 -2.16 4.76 29.26
CA ASP A 10 -1.15 3.74 29.64
C ASP A 10 0.37 3.96 29.49
N ASP A 11 0.86 4.02 28.24
CA ASP A 11 2.16 4.60 27.87
C ASP A 11 1.84 5.86 27.06
N LYS A 12 0.87 6.59 27.59
CA LYS A 12 0.34 7.84 27.04
C LYS A 12 -0.45 7.65 25.72
N TRP A 13 -0.94 6.43 25.47
CA TRP A 13 -1.99 6.23 24.47
C TRP A 13 -3.36 6.37 25.12
N LEU A 14 -4.28 6.99 24.40
CA LEU A 14 -5.62 7.21 24.91
C LEU A 14 -6.57 6.18 24.28
N LEU A 15 -7.33 5.49 25.13
CA LEU A 15 -8.27 4.44 24.69
C LEU A 15 -9.67 4.73 25.19
N LYS A 16 -10.60 4.95 24.27
CA LYS A 16 -11.97 5.34 24.59
C LYS A 16 -12.91 4.11 24.61
N ASN A 17 -13.65 3.93 25.70
CA ASN A 17 -14.68 2.88 25.84
C ASN A 17 -14.24 1.50 25.39
N PRO A 18 -13.31 0.89 26.12
CA PRO A 18 -12.92 -0.49 25.78
C PRO A 18 -14.11 -1.45 25.96
N ALA A 19 -14.13 -2.57 25.23
CA ALA A 19 -15.27 -3.49 25.31
C ALA A 19 -15.20 -4.32 26.59
N TRP A 20 -15.56 -3.73 27.72
CA TRP A 20 -15.49 -4.46 28.97
C TRP A 20 -16.54 -5.55 29.04
N THR A 21 -17.58 -5.45 28.21
CA THR A 21 -18.70 -6.35 28.36
C THR A 21 -19.20 -6.84 27.02
N LYS A 22 -19.81 -8.02 27.02
CA LYS A 22 -20.52 -8.50 25.84
C LYS A 22 -21.73 -7.58 25.63
N LYS A 23 -22.00 -7.30 24.36
CA LYS A 23 -23.13 -6.45 24.01
C LYS A 23 -24.12 -7.19 23.09
N TYR A 24 -24.15 -8.52 23.20
CA TYR A 24 -25.04 -9.36 22.40
C TYR A 24 -26.45 -8.87 22.51
N ASN A 25 -26.89 -8.55 23.73
CA ASN A 25 -28.25 -8.07 23.95
C ASN A 25 -28.56 -6.74 23.24
N GLU A 26 -27.59 -5.81 23.20
CA GLU A 26 -27.75 -4.54 22.50
C GLU A 26 -27.76 -4.75 20.99
N ILE A 27 -26.90 -5.66 20.50
CA ILE A 27 -26.90 -5.98 19.08
C ILE A 27 -28.24 -6.57 18.64
N GLU A 28 -28.80 -7.48 19.44
CA GLU A 28 -30.09 -8.10 19.10
C GLU A 28 -31.15 -7.03 18.93
N GLN A 29 -31.14 -6.05 19.81
CA GLN A 29 -32.20 -5.04 19.82
C GLN A 29 -32.16 -4.10 18.62
N SER A 30 -31.00 -3.99 17.98
CA SER A 30 -30.84 -3.07 16.85
C SER A 30 -30.89 -3.78 15.50
N MET A 31 -30.59 -5.07 15.52
CA MET A 31 -30.56 -5.86 14.28
C MET A 31 -31.88 -5.86 13.44
N PRO A 32 -33.06 -5.79 14.10
CA PRO A 32 -34.27 -5.72 13.25
C PRO A 32 -34.30 -4.53 12.26
N ALA A 33 -33.77 -3.39 12.67
CA ALA A 33 -33.76 -2.23 11.78
C ALA A 33 -32.94 -2.56 10.53
N ILE A 34 -31.85 -3.30 10.71
CA ILE A 34 -30.99 -3.72 9.61
C ILE A 34 -31.68 -4.77 8.74
N ASN A 35 -32.30 -5.76 9.39
CA ASN A 35 -33.09 -6.78 8.70
C ASN A 35 -34.10 -6.14 7.74
N ASP A 36 -34.92 -5.24 8.29
CA ASP A 36 -35.83 -4.42 7.50
C ASP A 36 -35.18 -3.68 6.33
N LEU A 37 -34.14 -2.90 6.62
CA LEU A 37 -33.45 -2.15 5.57
C LEU A 37 -32.94 -3.08 4.50
N SER A 38 -32.34 -4.19 4.95
CA SER A 38 -31.74 -5.17 4.05
C SER A 38 -32.74 -5.78 3.08
N GLN A 39 -33.94 -6.04 3.58
CA GLN A 39 -34.98 -6.65 2.76
C GLN A 39 -35.47 -5.62 1.74
N PHE A 40 -35.77 -4.42 2.23
CA PHE A 40 -36.13 -3.30 1.36
C PHE A 40 -35.11 -3.11 0.23
N LEU A 41 -33.83 -3.04 0.58
CA LEU A 41 -32.79 -2.74 -0.42
C LEU A 41 -32.66 -3.86 -1.43
N LYS A 42 -32.88 -5.09 -0.98
CA LYS A 42 -32.78 -6.23 -1.87
C LYS A 42 -33.90 -6.16 -2.91
N GLU A 43 -35.08 -5.71 -2.47
CA GLU A 43 -36.23 -5.56 -3.34
C GLU A 43 -35.99 -4.50 -4.39
N GLN A 44 -35.44 -3.37 -3.95
CA GLN A 44 -35.21 -2.23 -4.81
C GLN A 44 -33.95 -2.39 -5.63
N ASN A 45 -33.35 -3.58 -5.62
CA ASN A 45 -32.12 -3.83 -6.36
C ASN A 45 -30.98 -2.84 -6.01
N VAL A 46 -30.88 -2.45 -4.74
CA VAL A 46 -29.80 -1.59 -4.27
C VAL A 46 -28.74 -2.39 -3.49
N GLU A 47 -27.48 -2.39 -3.97
CA GLU A 47 -26.39 -3.09 -3.28
C GLU A 47 -26.19 -2.53 -1.86
N PHE A 48 -25.72 -3.36 -0.93
CA PHE A 48 -25.74 -3.05 0.50
C PHE A 48 -24.43 -3.57 1.15
N TYR A 49 -23.50 -2.67 1.41
CA TYR A 49 -22.21 -2.98 2.01
C TYR A 49 -22.12 -2.41 3.43
N PHE A 50 -21.45 -3.13 4.32
CA PHE A 50 -21.30 -2.65 5.69
C PHE A 50 -19.82 -2.70 6.06
N ALA A 51 -19.13 -1.59 5.83
CA ALA A 51 -17.69 -1.49 6.15
C ALA A 51 -17.48 -1.28 7.64
N LEU A 52 -16.50 -1.97 8.21
CA LEU A 52 -16.27 -1.90 9.65
C LEU A 52 -14.82 -1.53 10.03
N PRO A 53 -14.50 -0.21 10.05
CA PRO A 53 -13.18 0.23 10.51
C PRO A 53 -12.93 -0.33 11.88
N PRO A 54 -11.68 -0.71 12.17
CA PRO A 54 -11.46 -1.28 13.50
C PRO A 54 -11.42 -0.19 14.56
N SER A 55 -12.23 -0.29 15.60
CA SER A 55 -12.16 0.64 16.71
C SER A 55 -10.76 0.57 17.32
N LYS A 56 -10.27 1.69 17.84
CA LYS A 56 -8.95 1.69 18.43
C LYS A 56 -8.85 0.69 19.60
N THR A 57 -9.92 0.53 20.35
CA THR A 57 -9.92 -0.41 21.46
C THR A 57 -10.05 -1.87 21.02
N ASN A 58 -10.36 -2.11 19.76
CA ASN A 58 -10.21 -3.44 19.21
C ASN A 58 -8.78 -3.65 18.65
N ALA A 59 -8.36 -2.75 17.79
CA ALA A 59 -7.05 -2.87 17.14
C ALA A 59 -5.92 -2.87 18.15
N LEU A 60 -6.08 -2.16 19.25
CA LEU A 60 -5.00 -2.01 20.22
C LEU A 60 -5.41 -2.60 21.58
N SER A 61 -6.33 -3.57 21.58
CA SER A 61 -6.74 -4.19 22.84
C SER A 61 -5.52 -4.85 23.50
N PHE A 62 -4.50 -5.22 22.73
CA PHE A 62 -3.26 -5.77 23.32
C PHE A 62 -2.58 -4.78 24.29
N LYS A 63 -2.96 -3.51 24.26
CA LYS A 63 -2.37 -2.53 25.18
C LYS A 63 -3.15 -2.45 26.49
N LEU A 64 -4.26 -3.18 26.57
CA LEU A 64 -5.08 -3.11 27.77
C LEU A 64 -4.53 -4.11 28.79
N PRO A 65 -4.85 -3.95 30.09
CA PRO A 65 -4.43 -4.91 31.13
C PRO A 65 -4.65 -6.36 30.69
N SER A 66 -3.60 -7.18 30.77
CA SER A 66 -3.65 -8.54 30.24
C SER A 66 -4.44 -9.50 31.11
N HIS A 67 -4.76 -9.08 32.33
CA HIS A 67 -5.49 -9.95 33.24
C HIS A 67 -6.99 -9.74 33.12
N ILE A 68 -7.41 -8.94 32.16
CA ILE A 68 -8.84 -8.66 31.97
C ILE A 68 -9.22 -8.91 30.54
N HIS A 69 -10.20 -9.76 30.31
CA HIS A 69 -10.57 -10.06 28.94
C HIS A 69 -11.54 -9.01 28.45
N THR A 70 -11.33 -8.54 27.21
CA THR A 70 -12.28 -7.61 26.59
C THR A 70 -12.90 -8.28 25.40
N TYR A 71 -14.07 -7.79 24.98
CA TYR A 71 -14.95 -8.54 24.07
C TYR A 71 -15.22 -7.85 22.74
N ALA A 72 -14.28 -7.06 22.22
CA ALA A 72 -14.48 -6.41 20.92
C ALA A 72 -14.66 -7.43 19.81
N GLN A 73 -13.88 -8.49 19.84
CA GLN A 73 -13.96 -9.46 18.76
C GLN A 73 -15.23 -10.33 18.90
N GLU A 74 -15.55 -10.74 20.11
CA GLU A 74 -16.81 -11.48 20.34
C GLU A 74 -18.03 -10.65 19.88
N ASN A 75 -18.10 -9.39 20.32
CA ASN A 75 -19.23 -8.55 19.91
C ASN A 75 -19.32 -8.41 18.40
N LEU A 76 -18.18 -8.22 17.76
CA LEU A 76 -18.17 -8.07 16.32
C LEU A 76 -18.60 -9.35 15.63
N ASN A 77 -18.05 -10.47 16.07
CA ASN A 77 -18.44 -11.78 15.56
C ASN A 77 -19.93 -12.04 15.72
N TYR A 78 -20.50 -11.61 16.83
CA TYR A 78 -21.93 -11.76 17.05
C TYR A 78 -22.73 -10.98 16.02
N PHE A 79 -22.38 -9.70 15.88
CA PHE A 79 -22.97 -8.85 14.87
C PHE A 79 -22.86 -9.48 13.49
N LEU A 80 -21.67 -9.96 13.12
CA LEU A 80 -21.46 -10.49 11.78
C LEU A 80 -22.29 -11.77 11.50
N LYS A 81 -22.53 -12.55 12.55
CA LYS A 81 -23.29 -13.80 12.40
C LYS A 81 -24.79 -13.51 12.33
N LYS A 82 -25.25 -12.46 13.02
CA LYS A 82 -26.65 -12.08 13.04
C LYS A 82 -27.06 -11.22 11.84
N LEU A 83 -26.08 -10.68 11.13
CA LEU A 83 -26.34 -9.90 9.91
C LEU A 83 -27.01 -10.77 8.85
N PRO A 84 -28.07 -10.25 8.19
CA PRO A 84 -28.63 -10.96 7.03
C PRO A 84 -27.56 -11.21 5.99
N ALA A 85 -27.71 -12.28 5.21
CA ALA A 85 -26.65 -12.68 4.30
C ALA A 85 -26.59 -11.80 3.05
N ASP A 86 -27.61 -10.97 2.85
CA ASP A 86 -27.63 -10.03 1.72
C ASP A 86 -26.88 -8.71 2.06
N VAL A 87 -26.48 -8.55 3.31
CA VAL A 87 -25.58 -7.46 3.69
C VAL A 87 -24.16 -7.94 3.49
N LYS A 88 -23.38 -7.25 2.67
CA LYS A 88 -21.98 -7.65 2.46
C LYS A 88 -21.07 -6.88 3.39
N PRO A 89 -20.56 -7.55 4.44
CA PRO A 89 -19.69 -6.87 5.39
C PRO A 89 -18.28 -6.73 4.85
N ILE A 90 -17.60 -5.68 5.26
CA ILE A 90 -16.20 -5.53 4.90
C ILE A 90 -15.43 -5.52 6.21
N LYS A 91 -14.69 -6.60 6.46
CA LYS A 91 -14.15 -6.89 7.78
C LYS A 91 -12.73 -6.35 7.91
N LEU A 92 -12.60 -5.09 8.30
CA LEU A 92 -11.29 -4.43 8.26
C LEU A 92 -10.33 -4.95 9.32
N MET A 93 -10.80 -5.16 10.55
CA MET A 93 -9.92 -5.70 11.58
C MET A 93 -9.32 -7.02 11.17
N GLU A 94 -10.13 -7.83 10.49
CA GLU A 94 -9.71 -9.14 10.06
C GLU A 94 -8.66 -9.03 8.97
N HIS A 95 -8.90 -8.16 7.99
CA HIS A 95 -7.91 -7.87 6.96
C HIS A 95 -6.61 -7.38 7.59
N PHE A 96 -6.71 -6.41 8.51
CA PHE A 96 -5.55 -5.83 9.18
C PHE A 96 -4.76 -6.92 9.92
N LYS A 97 -5.45 -7.69 10.76
CA LYS A 97 -4.79 -8.70 11.60
C LYS A 97 -4.18 -9.83 10.78
N GLN A 98 -4.71 -10.05 9.59
CA GLN A 98 -4.18 -11.05 8.68
C GLN A 98 -2.85 -10.64 8.06
N ASN A 99 -2.65 -9.35 7.86
CA ASN A 99 -1.50 -8.87 7.10
C ASN A 99 -0.46 -8.11 7.92
N TYR A 100 -0.79 -7.78 9.15
CA TYR A 100 0.10 -6.93 9.92
C TYR A 100 0.17 -7.33 11.38
N THR A 101 1.30 -7.03 12.00
CA THR A 101 1.43 -7.31 13.43
C THR A 101 0.75 -6.24 14.27
N ASN A 102 0.61 -6.52 15.56
CA ASN A 102 0.09 -5.56 16.50
C ASN A 102 0.86 -4.22 16.52
N GLU A 103 2.19 -4.28 16.41
CA GLU A 103 3.03 -3.09 16.43
C GLU A 103 2.87 -2.28 15.16
N GLU A 104 2.70 -2.95 14.04
CA GLU A 104 2.41 -2.28 12.79
C GLU A 104 1.04 -1.62 12.79
N ILE A 105 0.05 -2.31 13.33
CA ILE A 105 -1.30 -1.78 13.37
C ILE A 105 -1.38 -0.56 14.27
N GLN A 106 -0.57 -0.55 15.31
CA GLN A 106 -0.49 0.62 16.18
C GLN A 106 -0.05 1.92 15.42
N ASP A 107 0.73 1.77 14.36
CA ASP A 107 1.12 2.91 13.53
C ASP A 107 -0.02 3.40 12.68
N MET A 108 -1.17 2.73 12.71
CA MET A 108 -2.31 3.19 11.91
C MET A 108 -3.35 3.93 12.78
N TYR A 109 -3.02 4.19 14.03
CA TYR A 109 -3.90 4.96 14.89
C TYR A 109 -3.16 6.17 15.46
N PHE A 110 -3.91 7.23 15.74
CA PHE A 110 -3.41 8.34 16.53
C PHE A 110 -3.21 7.90 17.96
N LYS A 111 -2.22 8.47 18.63
CA LYS A 111 -1.88 8.09 19.98
C LYS A 111 -2.83 8.76 20.98
N THR A 112 -3.19 10.00 20.69
CA THR A 112 -3.87 10.85 21.65
C THR A 112 -5.32 11.09 21.25
N ASP A 113 -5.70 10.62 20.07
CA ASP A 113 -7.10 10.73 19.61
C ASP A 113 -7.57 9.30 19.32
N HIS A 114 -8.87 9.04 19.29
CA HIS A 114 -9.34 7.65 19.30
C HIS A 114 -9.70 7.12 17.92
N HIS A 115 -9.34 7.90 16.89
CA HIS A 115 -9.57 7.47 15.53
C HIS A 115 -8.32 6.83 14.99
N TRP A 116 -8.49 6.02 13.93
CA TRP A 116 -7.37 5.64 13.10
C TRP A 116 -6.76 6.89 12.46
N ASN A 117 -5.52 6.78 11.99
CA ASN A 117 -4.90 7.90 11.34
C ASN A 117 -5.05 7.69 9.84
N MET A 118 -4.45 8.57 9.05
CA MET A 118 -4.71 8.59 7.62
C MET A 118 -4.15 7.36 6.95
N ASP A 119 -3.02 6.87 7.45
CA ASP A 119 -2.47 5.63 6.91
C ASP A 119 -3.43 4.45 7.16
N GLY A 120 -3.96 4.34 8.37
CA GLY A 120 -4.99 3.34 8.65
C GLY A 120 -6.23 3.53 7.78
N ALA A 121 -6.72 4.76 7.70
CA ALA A 121 -7.96 5.04 6.99
C ALA A 121 -7.79 4.76 5.50
N PHE A 122 -6.63 5.12 4.97
CA PHE A 122 -6.36 4.86 3.56
C PHE A 122 -6.33 3.37 3.25
N LEU A 123 -5.58 2.62 4.04
CA LEU A 123 -5.55 1.18 3.88
C LEU A 123 -7.00 0.64 3.95
N GLY A 124 -7.78 1.19 4.86
CA GLY A 124 -9.18 0.84 4.98
C GLY A 124 -9.97 1.11 3.73
N TYR A 125 -9.81 2.32 3.21
CA TYR A 125 -10.39 2.73 1.94
C TYR A 125 -10.04 1.76 0.80
N GLN A 126 -8.78 1.39 0.75
CA GLN A 126 -8.27 0.47 -0.24
C GLN A 126 -8.96 -0.91 -0.19
N TYR A 127 -9.11 -1.43 1.01
CA TYR A 127 -9.77 -2.71 1.20
C TYR A 127 -11.25 -2.58 0.91
N ILE A 128 -11.87 -1.49 1.36
CA ILE A 128 -13.30 -1.27 1.10
C ILE A 128 -13.57 -1.29 -0.41
N MET A 129 -12.82 -0.50 -1.18
CA MET A 129 -13.05 -0.42 -2.62
C MET A 129 -12.67 -1.69 -3.37
N ASN A 130 -11.60 -2.34 -2.93
CA ASN A 130 -11.21 -3.61 -3.53
C ASN A 130 -12.31 -4.66 -3.38
N THR A 131 -12.95 -4.70 -2.21
CA THR A 131 -14.02 -5.65 -1.94
C THR A 131 -15.26 -5.34 -2.78
N ILE A 132 -15.74 -4.10 -2.70
CA ILE A 132 -16.85 -3.66 -3.53
C ILE A 132 -16.60 -3.99 -5.02
N GLY A 133 -15.38 -3.76 -5.50
CA GLY A 133 -15.01 -4.06 -6.87
C GLY A 133 -15.18 -5.52 -7.28
N GLN A 134 -15.08 -6.42 -6.31
CA GLN A 134 -15.19 -7.85 -6.58
C GLN A 134 -16.61 -8.34 -6.49
N GLN A 135 -17.45 -7.59 -5.78
CA GLN A 135 -18.83 -7.98 -5.47
C GLN A 135 -19.88 -7.29 -6.33
N SER A 136 -19.57 -6.08 -6.79
CA SER A 136 -20.57 -5.17 -7.36
C SER A 136 -20.86 -5.43 -8.82
N SER A 137 -22.11 -5.22 -9.22
CA SER A 137 -22.44 -5.29 -10.65
C SER A 137 -22.37 -3.92 -11.28
N ILE A 138 -22.51 -2.88 -10.46
CA ILE A 138 -22.54 -1.51 -10.95
C ILE A 138 -21.23 -0.77 -10.76
N TYR A 139 -20.34 -1.31 -9.95
CA TYR A 139 -19.10 -0.59 -9.71
C TYR A 139 -17.91 -1.20 -10.45
N LYS A 140 -17.50 -0.50 -11.50
CA LYS A 140 -16.23 -0.75 -12.14
C LYS A 140 -15.35 0.46 -11.84
N GLY A 141 -14.09 0.20 -11.51
CA GLY A 141 -13.15 1.27 -11.24
C GLY A 141 -11.74 0.76 -11.14
N LYS A 142 -10.77 1.64 -11.40
CA LYS A 142 -9.37 1.29 -11.24
C LYS A 142 -9.13 0.76 -9.82
N GLU A 143 -8.41 -0.35 -9.71
CA GLU A 143 -8.01 -0.85 -8.40
C GLU A 143 -7.26 0.27 -7.68
N ILE A 144 -7.51 0.42 -6.38
CA ILE A 144 -6.89 1.49 -5.62
C ILE A 144 -5.43 1.17 -5.27
N ALA A 145 -4.51 1.86 -5.94
CA ALA A 145 -3.08 1.72 -5.69
C ALA A 145 -2.55 2.99 -5.04
N ALA A 146 -1.65 2.82 -4.06
CA ALA A 146 -1.00 3.95 -3.41
C ALA A 146 -0.24 4.84 -4.40
N ALA A 147 0.11 4.29 -5.56
CA ALA A 147 0.93 4.98 -6.54
C ALA A 147 0.20 6.11 -7.28
N ASP A 148 -1.13 6.13 -7.20
CA ASP A 148 -1.96 7.14 -7.87
C ASP A 148 -2.22 8.33 -6.96
N TYR A 149 -1.75 8.24 -5.73
CA TYR A 149 -1.94 9.28 -4.74
C TYR A 149 -0.56 9.75 -4.31
N THR A 150 -0.47 10.99 -3.89
CA THR A 150 0.76 11.44 -3.25
C THR A 150 0.48 11.58 -1.77
N ARG A 151 1.29 10.91 -0.96
CA ARG A 151 1.12 10.98 0.48
C ARG A 151 2.04 12.06 1.04
N THR A 152 1.47 13.00 1.80
CA THR A 152 2.24 14.07 2.40
C THR A 152 1.97 14.10 3.89
N CYS A 153 2.97 14.44 4.68
CA CYS A 153 2.85 14.36 6.14
C CYS A 153 3.55 15.50 6.87
N ALA A 154 2.92 15.98 7.92
CA ALA A 154 3.59 16.88 8.85
C ALA A 154 3.90 16.06 10.09
N GLN A 155 5.00 16.36 10.78
CA GLN A 155 5.59 15.39 11.71
C GLN A 155 5.28 15.59 13.17
N ASN A 156 5.03 16.82 13.58
CA ASN A 156 4.93 17.08 15.01
C ASN A 156 3.63 17.77 15.35
N LYS A 157 2.52 17.21 14.88
CA LYS A 157 1.21 17.78 15.16
C LYS A 157 0.68 17.26 16.47
N HIS A 158 -0.28 17.98 17.02
CA HIS A 158 -0.83 17.60 18.31
C HIS A 158 -2.34 17.43 18.19
N LEU A 159 -2.79 16.19 18.36
CA LEU A 159 -4.21 15.89 18.26
C LEU A 159 -4.91 16.15 19.58
N VAL A 160 -6.01 16.88 19.53
CA VAL A 160 -6.84 17.07 20.70
C VAL A 160 -7.92 16.02 20.66
N GLY A 161 -8.00 15.17 21.69
CA GLY A 161 -9.06 14.21 21.79
C GLY A 161 -10.39 14.90 21.99
N SER A 162 -11.38 14.56 21.16
CA SER A 162 -12.72 15.11 21.29
C SER A 162 -13.79 14.02 21.24
N PHE A 163 -14.63 13.97 22.27
CA PHE A 163 -15.76 13.02 22.31
C PHE A 163 -16.77 13.53 23.32
N ASN A 164 -18.06 13.39 22.96
CA ASN A 164 -19.14 14.18 23.55
C ASN A 164 -18.68 15.63 23.78
N ASN A 165 -18.98 16.20 24.94
CA ASN A 165 -18.51 17.54 25.24
C ASN A 165 -17.24 17.53 26.08
N GLN A 166 -16.24 16.80 25.61
CA GLN A 166 -15.00 16.61 26.34
C GLN A 166 -13.79 16.82 25.44
N LEU A 167 -12.81 17.58 25.90
CA LEU A 167 -11.57 17.77 25.16
C LEU A 167 -10.39 17.26 25.96
N TYR A 168 -9.66 16.28 25.43
CA TYR A 168 -8.44 15.79 26.06
C TYR A 168 -7.19 16.24 25.29
N GLN A 169 -6.19 16.72 26.02
CA GLN A 169 -4.97 17.21 25.42
C GLN A 169 -3.75 16.61 26.15
N LEU A 170 -2.77 16.09 25.40
CA LEU A 170 -1.56 15.54 26.02
C LEU A 170 -0.32 16.39 25.79
N ILE A 171 0.25 16.93 26.86
CA ILE A 171 1.56 17.56 26.77
C ILE A 171 2.63 16.51 26.51
N ASP A 172 3.07 16.40 25.26
CA ASP A 172 4.12 15.46 24.88
C ASP A 172 4.91 16.03 23.71
N ALA A 173 6.07 16.61 24.01
CA ALA A 173 6.84 17.44 23.08
C ALA A 173 6.96 16.91 21.64
N ASN A 174 6.86 15.59 21.46
CA ASN A 174 6.99 15.02 20.13
C ASN A 174 5.76 15.26 19.24
N GLY A 175 4.58 14.92 19.73
CA GLY A 175 3.39 14.98 18.92
C GLY A 175 3.49 13.91 17.84
N GLU A 176 2.71 14.02 16.77
CA GLU A 176 2.68 12.93 15.81
C GLU A 176 2.43 13.27 14.36
N LYS A 177 2.43 12.20 13.58
CA LYS A 177 2.21 12.21 12.13
C LYS A 177 0.78 12.57 11.75
N LEU A 178 0.67 13.54 10.86
CA LEU A 178 -0.60 13.95 10.27
C LEU A 178 -0.46 13.86 8.75
N CYS A 179 -1.10 12.86 8.12
CA CYS A 179 -0.92 12.61 6.70
C CYS A 179 -2.17 12.88 5.86
N TYR A 180 -1.93 13.12 4.56
CA TYR A 180 -2.96 13.22 3.55
C TYR A 180 -2.55 12.37 2.37
N TYR A 181 -3.53 11.75 1.71
CA TYR A 181 -3.29 11.10 0.43
C TYR A 181 -4.12 11.85 -0.61
N THR A 182 -3.46 12.47 -1.58
CA THR A 182 -4.10 13.36 -2.54
C THR A 182 -3.81 12.86 -3.95
N PRO A 183 -4.87 12.68 -4.76
CA PRO A 183 -4.76 12.28 -6.17
C PRO A 183 -3.72 13.10 -6.92
N LYS A 184 -2.98 12.46 -7.84
CA LYS A 184 -1.90 13.14 -8.54
C LYS A 184 -2.37 14.47 -9.11
N ASP A 185 -3.58 14.50 -9.66
CA ASP A 185 -4.15 15.73 -10.23
C ASP A 185 -5.16 16.41 -9.33
N GLY A 186 -5.09 16.15 -8.03
CA GLY A 186 -6.01 16.74 -7.08
C GLY A 186 -7.37 16.07 -7.12
N PHE A 187 -8.21 16.37 -6.14
CA PHE A 187 -9.61 16.02 -6.22
C PHE A 187 -10.32 17.02 -7.13
N ASN A 188 -10.91 16.54 -8.22
CA ASN A 188 -11.60 17.43 -9.14
C ASN A 188 -13.07 17.08 -9.18
N PHE A 189 -13.79 17.49 -8.14
CA PHE A 189 -15.20 17.19 -8.05
C PHE A 189 -16.01 18.24 -8.82
N THR A 190 -17.11 17.80 -9.41
CA THR A 190 -18.00 18.68 -10.13
C THR A 190 -18.62 19.66 -9.15
N SER A 191 -18.95 19.16 -7.97
CA SER A 191 -19.43 20.02 -6.90
C SER A 191 -19.35 19.30 -5.57
N VAL A 192 -19.33 20.10 -4.51
CA VAL A 192 -19.30 19.57 -3.17
C VAL A 192 -20.15 20.49 -2.34
N THR A 193 -21.19 19.94 -1.75
CA THR A 193 -22.12 20.70 -0.95
C THR A 193 -22.33 20.00 0.39
N ALA A 194 -22.27 20.78 1.46
CA ALA A 194 -22.38 20.21 2.80
C ALA A 194 -23.16 21.14 3.69
N LYS A 195 -24.24 20.62 4.27
CA LYS A 195 -25.01 21.34 5.25
C LYS A 195 -24.49 20.99 6.63
N ASP A 196 -24.12 21.99 7.44
CA ASP A 196 -23.62 21.67 8.76
C ASP A 196 -24.77 21.64 9.74
N VAL A 197 -24.44 21.45 11.02
CA VAL A 197 -25.45 21.28 12.06
C VAL A 197 -26.28 22.53 12.27
N GLN A 198 -25.74 23.69 11.89
CA GLN A 198 -26.45 24.95 12.10
C GLN A 198 -27.34 25.32 10.91
N GLY A 199 -27.22 24.57 9.82
CA GLY A 199 -28.08 24.77 8.67
C GLY A 199 -27.36 25.49 7.54
N THR A 200 -26.13 25.91 7.82
CA THR A 200 -25.28 26.59 6.85
C THR A 200 -24.80 25.65 5.75
N VAL A 201 -24.91 26.08 4.50
CA VAL A 201 -24.48 25.29 3.36
C VAL A 201 -23.12 25.76 2.86
N HIS A 202 -22.18 24.81 2.82
CA HIS A 202 -20.83 25.10 2.39
C HIS A 202 -20.59 24.47 1.03
N GLN A 203 -19.81 25.13 0.18
CA GLN A 203 -19.42 24.54 -1.09
C GLN A 203 -17.93 24.41 -1.22
N ASN A 204 -17.50 23.49 -2.07
CA ASN A 204 -16.09 23.19 -2.30
C ASN A 204 -15.48 22.35 -1.18
N LEU A 205 -14.66 21.39 -1.60
CA LEU A 205 -13.99 20.47 -0.70
C LEU A 205 -13.13 21.19 0.34
N ASP A 206 -12.52 22.31 -0.08
CA ASP A 206 -11.61 23.07 0.76
C ASP A 206 -12.28 23.70 1.94
N GLU A 207 -13.60 23.85 1.92
CA GLU A 207 -14.26 24.41 3.10
C GLU A 207 -14.67 23.37 4.13
N ILE A 208 -14.44 22.09 3.85
CA ILE A 208 -14.81 21.06 4.82
C ILE A 208 -13.70 20.05 5.11
N TYR A 209 -12.76 19.85 4.18
CA TYR A 209 -11.68 18.87 4.37
C TYR A 209 -10.30 19.53 4.55
N GLY A 210 -9.66 19.28 5.69
CA GLY A 210 -8.32 19.79 5.95
C GLY A 210 -8.33 21.31 6.18
N VAL A 211 -9.39 21.80 6.81
CA VAL A 211 -9.55 23.21 7.06
C VAL A 211 -8.55 23.76 8.11
N GLU A 212 -8.07 22.89 9.01
CA GLU A 212 -7.10 23.33 10.01
C GLU A 212 -5.81 22.55 9.92
N ALA A 213 -5.48 22.13 8.70
CA ALA A 213 -4.28 21.34 8.45
C ALA A 213 -3.00 21.97 8.98
N ALA A 214 -2.93 23.30 8.92
CA ALA A 214 -1.76 24.08 9.32
C ALA A 214 -1.62 24.22 10.83
N ALA A 215 -2.74 24.10 11.54
CA ALA A 215 -2.71 24.19 12.99
C ALA A 215 -1.69 23.22 13.59
N ASP A 216 -1.00 23.68 14.62
CA ASP A 216 0.00 22.87 15.30
C ASP A 216 -0.71 21.95 16.28
N THR A 217 -1.88 22.38 16.71
CA THR A 217 -2.70 21.63 17.64
C THR A 217 -4.15 21.81 17.26
N THR A 218 -4.82 20.70 16.93
CA THR A 218 -6.29 20.69 16.80
C THR A 218 -6.85 19.27 16.77
N SER A 219 -8.18 19.18 16.66
CA SER A 219 -8.88 17.91 16.63
C SER A 219 -8.83 17.20 15.28
N TYR A 220 -9.08 15.89 15.31
CA TYR A 220 -9.27 15.04 14.13
C TYR A 220 -10.19 15.71 13.13
N ALA A 221 -11.28 16.26 13.63
CA ALA A 221 -12.27 16.95 12.83
C ALA A 221 -11.71 18.16 12.09
N GLY A 222 -10.88 18.93 12.78
CA GLY A 222 -10.22 20.07 12.15
C GLY A 222 -9.25 19.65 11.07
N TYR A 223 -8.60 18.49 11.27
CA TYR A 223 -7.61 18.05 10.30
C TYR A 223 -8.23 17.38 9.10
N TYR A 224 -9.37 16.72 9.33
CA TYR A 224 -10.04 16.01 8.25
C TYR A 224 -11.41 16.64 8.00
N THR A 225 -12.50 16.10 8.54
CA THR A 225 -13.77 16.84 8.46
C THR A 225 -14.47 16.76 9.78
N ASP A 226 -15.39 17.68 10.01
CA ASP A 226 -16.39 17.52 11.08
C ASP A 226 -17.48 16.53 10.66
N ASP A 227 -18.39 16.26 11.57
CA ASP A 227 -19.56 15.45 11.24
C ASP A 227 -20.66 16.37 10.73
N TYR A 228 -21.07 16.16 9.49
CA TYR A 228 -22.14 16.94 8.88
C TYR A 228 -23.41 16.09 8.75
N PRO A 229 -24.58 16.73 8.94
CA PRO A 229 -25.84 16.06 8.64
C PRO A 229 -25.79 15.46 7.24
N GLU A 230 -25.39 16.27 6.27
CA GLU A 230 -25.36 15.81 4.88
C GLU A 230 -24.25 16.48 4.07
N ILE A 231 -23.50 15.65 3.34
CA ILE A 231 -22.57 16.08 2.31
C ILE A 231 -23.01 15.44 1.01
N VAL A 232 -23.04 16.22 -0.07
CA VAL A 232 -23.30 15.68 -1.39
C VAL A 232 -22.19 16.02 -2.37
N ILE A 233 -21.68 15.00 -3.03
CA ILE A 233 -20.60 15.18 -3.97
C ILE A 233 -20.97 14.65 -5.35
N GLU A 234 -20.87 15.53 -6.36
CA GLU A 234 -21.03 15.10 -7.74
C GLU A 234 -19.67 14.96 -8.40
N ASN A 235 -19.44 13.82 -9.03
CA ASN A 235 -18.13 13.55 -9.64
C ASN A 235 -18.32 13.05 -11.08
N ASN A 236 -18.40 13.99 -12.01
CA ASN A 236 -18.75 13.63 -13.39
C ASN A 236 -17.65 12.86 -14.10
N ASN A 237 -16.41 13.00 -13.61
CA ASN A 237 -15.29 12.27 -14.18
C ASN A 237 -15.24 10.78 -13.80
N ALA A 238 -16.16 10.34 -12.96
CA ALA A 238 -16.16 8.95 -12.52
C ALA A 238 -16.56 8.04 -13.68
N GLN A 239 -15.90 6.89 -13.78
CA GLN A 239 -16.17 5.96 -14.88
C GLN A 239 -17.23 4.94 -14.50
N ASN A 240 -18.32 5.41 -13.93
CA ASN A 240 -19.44 4.54 -13.56
C ASN A 240 -20.69 5.36 -13.31
N GLU A 241 -21.79 4.69 -12.99
CA GLU A 241 -23.05 5.36 -12.75
C GLU A 241 -23.49 5.18 -11.30
N VAL A 242 -22.56 4.76 -10.45
CA VAL A 242 -22.89 4.54 -9.06
C VAL A 242 -23.39 5.81 -8.38
N ARG A 243 -24.58 5.73 -7.80
CA ARG A 243 -25.06 6.78 -6.92
C ARG A 243 -25.07 6.23 -5.50
N ALA A 244 -23.97 6.43 -4.78
CA ALA A 244 -23.77 5.84 -3.46
C ALA A 244 -24.37 6.67 -2.35
N LEU A 245 -24.90 5.97 -1.35
CA LEU A 245 -25.22 6.60 -0.10
C LEU A 245 -24.28 6.03 0.96
N VAL A 246 -23.42 6.90 1.52
CA VAL A 246 -22.59 6.49 2.63
C VAL A 246 -23.25 6.89 3.94
N LEU A 247 -23.47 5.92 4.82
CA LEU A 247 -23.93 6.24 6.16
C LEU A 247 -22.78 6.02 7.13
N LYS A 248 -22.38 7.04 7.89
CA LYS A 248 -21.10 6.92 8.57
C LYS A 248 -21.08 7.40 10.00
N ASP A 249 -20.07 6.97 10.75
CA ASP A 249 -19.69 7.67 11.96
C ASP A 249 -18.36 8.37 11.63
N SER A 250 -17.72 8.98 12.62
CA SER A 250 -16.62 9.88 12.31
C SER A 250 -15.37 9.19 11.74
N PHE A 251 -15.29 7.84 11.82
CA PHE A 251 -14.16 7.14 11.18
C PHE A 251 -14.09 7.37 9.67
N ALA A 252 -15.23 7.69 9.08
CA ALA A 252 -15.24 7.91 7.64
C ALA A 252 -14.68 9.28 7.25
N ASN A 253 -14.57 10.20 8.21
CA ASN A 253 -14.27 11.61 7.85
C ASN A 253 -12.98 11.77 7.07
N ALA A 254 -11.93 11.10 7.52
CA ALA A 254 -10.62 11.16 6.87
C ALA A 254 -10.62 10.68 5.44
N ILE A 255 -11.59 9.86 5.05
CA ILE A 255 -11.61 9.33 3.69
C ILE A 255 -12.89 9.68 2.91
N VAL A 256 -13.58 10.73 3.34
CA VAL A 256 -14.78 11.15 2.63
C VAL A 256 -14.50 11.52 1.16
N PRO A 257 -13.44 12.29 0.86
CA PRO A 257 -13.25 12.54 -0.57
C PRO A 257 -12.69 11.36 -1.36
N HIS A 258 -11.99 10.43 -0.71
CA HIS A 258 -11.42 9.29 -1.43
C HIS A 258 -12.53 8.35 -1.83
N LEU A 259 -13.49 8.17 -0.93
CA LEU A 259 -14.71 7.41 -1.25
C LEU A 259 -15.51 8.07 -2.37
N ALA A 260 -15.71 9.38 -2.24
CA ALA A 260 -16.46 10.16 -3.23
C ALA A 260 -15.83 10.12 -4.61
N GLN A 261 -14.51 9.93 -4.67
CA GLN A 261 -13.87 9.84 -5.97
C GLN A 261 -14.24 8.59 -6.76
N SER A 262 -14.72 7.56 -6.08
CA SER A 262 -14.98 6.26 -6.70
C SER A 262 -16.26 6.23 -7.51
N PHE A 263 -17.18 7.10 -7.12
CA PHE A 263 -18.56 7.06 -7.60
C PHE A 263 -18.95 8.35 -8.33
N LYS A 264 -19.97 8.28 -9.18
CA LYS A 264 -20.45 9.43 -9.93
C LYS A 264 -21.16 10.40 -9.00
N HIS A 265 -21.91 9.86 -8.05
CA HIS A 265 -22.60 10.65 -7.06
C HIS A 265 -22.41 10.00 -5.71
N THR A 266 -22.14 10.81 -4.69
CA THR A 266 -22.00 10.29 -3.34
C THR A 266 -22.70 11.20 -2.36
N SER A 267 -23.67 10.62 -1.64
CA SER A 267 -24.36 11.27 -0.55
C SER A 267 -23.84 10.69 0.76
N ILE A 268 -23.54 11.55 1.72
CA ILE A 268 -22.88 11.11 2.93
C ILE A 268 -23.69 11.68 4.08
N LEU A 269 -24.28 10.80 4.87
CA LEU A 269 -25.12 11.23 5.96
C LEU A 269 -24.55 10.76 7.28
N ASP A 270 -24.77 11.53 8.33
CA ASP A 270 -24.48 11.10 9.68
C ASP A 270 -25.81 11.10 10.41
N LEU A 271 -26.29 9.91 10.80
CA LEU A 271 -27.65 9.83 11.32
C LEU A 271 -27.76 10.45 12.70
N ARG A 272 -26.65 10.64 13.40
CA ARG A 272 -26.67 11.47 14.60
C ARG A 272 -27.16 12.92 14.35
N HIS A 273 -27.05 13.40 13.12
CA HIS A 273 -27.37 14.81 12.83
C HIS A 273 -28.36 14.99 11.70
N TYR A 274 -28.48 14.01 10.80
CA TYR A 274 -29.38 14.18 9.68
C TYR A 274 -30.81 13.75 10.01
N HIS A 275 -31.74 14.70 10.10
CA HIS A 275 -33.10 14.41 10.54
C HIS A 275 -34.21 14.87 9.57
N GLU A 276 -33.85 15.23 8.36
CA GLU A 276 -34.83 15.78 7.41
C GLU A 276 -35.73 14.71 6.77
N LYS A 277 -35.11 13.59 6.42
CA LYS A 277 -35.80 12.46 5.81
C LYS A 277 -35.35 11.21 6.56
N ASP A 278 -36.04 10.08 6.41
CA ASP A 278 -35.48 8.87 6.95
C ASP A 278 -34.75 8.23 5.81
N VAL A 279 -34.04 7.14 6.10
CA VAL A 279 -33.10 6.59 5.14
C VAL A 279 -33.78 6.06 3.89
N TYR A 280 -34.92 5.39 4.12
CA TYR A 280 -35.72 4.79 3.04
C TYR A 280 -36.15 5.86 2.03
N GLN A 281 -36.73 6.93 2.55
CA GLN A 281 -37.15 8.06 1.74
C GLN A 281 -35.98 8.74 1.03
N TYR A 282 -34.85 8.90 1.74
CA TYR A 282 -33.69 9.55 1.16
C TYR A 282 -33.22 8.73 -0.01
N ILE A 283 -33.24 7.41 0.16
CA ILE A 283 -32.75 6.53 -0.90
C ILE A 283 -33.62 6.65 -2.15
N GLN A 284 -34.94 6.74 -1.95
CA GLN A 284 -35.86 6.86 -3.07
C GLN A 284 -35.79 8.26 -3.71
N ASP A 285 -35.84 9.32 -2.90
CA ASP A 285 -35.72 10.70 -3.43
C ASP A 285 -34.45 11.01 -4.21
N ASN A 286 -33.39 10.23 -4.03
CA ASN A 286 -32.12 10.58 -4.64
C ASN A 286 -31.59 9.52 -5.56
N ASN A 287 -32.42 8.52 -5.85
CA ASN A 287 -32.09 7.45 -6.79
C ASN A 287 -30.79 6.77 -6.45
N ILE A 288 -30.64 6.43 -5.18
CA ILE A 288 -29.48 5.71 -4.70
C ILE A 288 -29.52 4.27 -5.17
N ASN A 289 -28.45 3.80 -5.81
CA ASN A 289 -28.36 2.42 -6.25
C ASN A 289 -27.27 1.63 -5.52
N MET A 290 -26.73 2.22 -4.46
CA MET A 290 -25.73 1.56 -3.64
C MET A 290 -25.67 2.19 -2.26
N VAL A 291 -25.70 1.36 -1.24
CA VAL A 291 -25.56 1.82 0.13
C VAL A 291 -24.30 1.23 0.75
N LEU A 292 -23.58 2.08 1.48
CA LEU A 292 -22.32 1.71 2.13
C LEU A 292 -22.31 2.32 3.52
N PHE A 293 -22.41 1.50 4.57
CA PHE A 293 -22.17 1.95 5.94
C PHE A 293 -20.66 2.00 6.16
N VAL A 294 -20.21 2.98 6.95
CA VAL A 294 -18.83 3.01 7.42
C VAL A 294 -18.96 3.36 8.89
N TYR A 295 -19.02 2.31 9.70
CA TYR A 295 -19.23 2.36 11.15
C TYR A 295 -18.09 1.63 11.84
N SER A 296 -17.50 2.25 12.85
CA SER A 296 -16.45 1.57 13.61
C SER A 296 -16.97 0.20 14.11
N ASP A 297 -16.12 -0.81 14.20
CA ASP A 297 -16.65 -2.12 14.58
C ASP A 297 -17.04 -2.20 16.05
N SER A 298 -17.02 -1.07 16.75
CA SER A 298 -17.60 -1.03 18.08
C SER A 298 -18.94 -0.30 18.05
N ASN A 299 -19.31 0.17 16.87
CA ASN A 299 -20.58 0.87 16.71
C ASN A 299 -21.56 -0.09 16.03
N LEU A 300 -22.02 -1.05 16.83
CA LEU A 300 -22.73 -2.22 16.33
C LEU A 300 -24.21 -2.11 16.66
N SER A 301 -24.55 -1.14 17.50
CA SER A 301 -25.93 -1.00 17.96
C SER A 301 -26.23 0.41 18.44
N GLY A 302 -27.51 0.72 18.59
CA GLY A 302 -27.92 1.93 19.27
C GLY A 302 -28.44 2.99 18.33
N ASP A 303 -28.17 4.25 18.66
CA ASP A 303 -28.83 5.39 18.05
C ASP A 303 -28.61 5.56 16.56
N MET A 304 -27.49 5.09 16.04
CA MET A 304 -27.23 5.26 14.62
C MET A 304 -27.81 4.13 13.76
N PHE A 305 -28.60 3.26 14.38
CA PHE A 305 -29.26 2.17 13.68
C PHE A 305 -30.76 2.40 13.65
N LYS A 306 -31.18 3.66 13.77
CA LYS A 306 -32.58 4.00 13.63
C LYS A 306 -32.81 4.55 12.22
N PHE A 307 -33.32 3.71 11.32
CA PHE A 307 -33.47 4.12 9.92
C PHE A 307 -34.89 4.51 9.55
N LYS A 308 -35.87 4.15 10.39
CA LYS A 308 -37.29 4.48 10.14
C LYS A 308 -37.87 5.33 11.26
N ASN B 4 36.42 -4.89 -4.28
CA ASN B 4 37.10 -4.02 -3.32
C ASN B 4 36.10 -3.08 -2.63
N ASP B 5 35.43 -3.58 -1.61
CA ASP B 5 34.28 -2.89 -1.07
C ASP B 5 34.56 -2.12 0.21
N ILE B 6 33.84 -1.01 0.38
CA ILE B 6 33.76 -0.32 1.67
C ILE B 6 32.45 -0.71 2.32
N ILE B 7 32.53 -1.23 3.55
CA ILE B 7 31.34 -1.48 4.33
C ILE B 7 31.32 -0.49 5.47
N LEU B 8 30.16 -0.03 5.89
CA LEU B 8 30.14 0.63 7.19
C LEU B 8 28.86 0.47 7.98
N THR B 9 29.02 0.50 9.32
CA THR B 9 27.95 0.34 10.31
C THR B 9 27.82 1.56 11.22
N ASP B 10 26.67 1.74 11.89
CA ASP B 10 26.39 2.99 12.60
C ASP B 10 25.61 2.89 13.93
N ASP B 11 24.38 2.38 13.81
CA ASP B 11 23.55 1.88 14.92
C ASP B 11 23.20 0.45 14.53
N LYS B 12 24.22 -0.23 14.05
CA LYS B 12 24.20 -1.61 13.59
C LYS B 12 23.47 -1.79 12.25
N TRP B 13 23.38 -0.75 11.45
CA TRP B 13 22.90 -0.90 10.07
C TRP B 13 24.09 -1.03 9.14
N LEU B 14 24.04 -1.96 8.19
CA LEU B 14 25.14 -2.21 7.29
C LEU B 14 24.94 -1.50 5.95
N LEU B 15 25.91 -0.68 5.57
CA LEU B 15 25.84 -0.01 4.29
C LEU B 15 27.00 -0.42 3.40
N LYS B 16 26.73 -0.91 2.20
CA LYS B 16 27.81 -1.35 1.31
C LYS B 16 28.11 -0.35 0.17
N ASN B 17 29.39 0.03 0.06
CA ASN B 17 29.90 0.87 -1.03
C ASN B 17 29.16 2.17 -1.26
N PRO B 18 29.22 3.09 -0.30
CA PRO B 18 28.63 4.41 -0.52
C PRO B 18 29.28 5.09 -1.73
N ALA B 19 28.54 6.03 -2.33
CA ALA B 19 29.03 6.76 -3.49
C ALA B 19 29.97 7.87 -3.03
N TRP B 20 31.23 7.53 -2.81
CA TRP B 20 32.19 8.50 -2.29
C TRP B 20 32.47 9.64 -3.27
N THR B 21 32.32 9.38 -4.55
CA THR B 21 32.59 10.38 -5.58
C THR B 21 31.59 10.35 -6.71
N LYS B 22 31.66 11.37 -7.56
CA LYS B 22 30.86 11.39 -8.78
C LYS B 22 31.44 10.37 -9.74
N LYS B 23 30.62 9.93 -10.68
CA LYS B 23 30.98 8.86 -11.61
C LYS B 23 30.50 9.19 -13.00
N TYR B 24 30.46 10.48 -13.32
CA TYR B 24 29.96 10.95 -14.61
C TYR B 24 30.69 10.28 -15.77
N ASN B 25 32.01 10.15 -15.65
CA ASN B 25 32.80 9.56 -16.73
C ASN B 25 32.46 8.09 -16.94
N GLU B 26 32.44 7.32 -15.86
CA GLU B 26 32.05 5.91 -15.92
C GLU B 26 30.67 5.76 -16.54
N ILE B 27 29.76 6.64 -16.14
CA ILE B 27 28.40 6.67 -16.68
C ILE B 27 28.40 7.08 -18.15
N GLU B 28 29.23 8.06 -18.49
CA GLU B 28 29.35 8.49 -19.88
C GLU B 28 29.88 7.34 -20.75
N GLN B 29 30.80 6.55 -20.19
CA GLN B 29 31.39 5.43 -20.92
C GLN B 29 30.37 4.35 -21.31
N SER B 30 29.46 4.03 -20.41
CA SER B 30 28.54 2.91 -20.62
C SER B 30 27.27 3.28 -21.39
N MET B 31 26.96 4.57 -21.39
CA MET B 31 25.73 5.08 -22.00
C MET B 31 25.53 4.76 -23.50
N PRO B 32 26.59 4.88 -24.32
CA PRO B 32 26.47 4.50 -25.73
C PRO B 32 25.86 3.12 -25.96
N ALA B 33 26.24 2.14 -25.14
CA ALA B 33 25.72 0.79 -25.29
C ALA B 33 24.21 0.78 -25.14
N ILE B 34 23.68 1.75 -24.40
CA ILE B 34 22.24 1.83 -24.18
C ILE B 34 21.58 2.72 -25.24
N ASN B 35 22.27 3.79 -25.64
CA ASN B 35 21.82 4.59 -26.78
C ASN B 35 21.53 3.70 -27.98
N ASP B 36 22.41 2.73 -28.20
CA ASP B 36 22.21 1.70 -29.22
C ASP B 36 20.88 1.00 -29.04
N LEU B 37 20.76 0.32 -27.91
CA LEU B 37 19.61 -0.51 -27.60
C LEU B 37 18.28 0.23 -27.71
N SER B 38 18.26 1.48 -27.24
CA SER B 38 17.05 2.30 -27.33
C SER B 38 16.67 2.53 -28.79
N GLN B 39 17.67 2.84 -29.62
CA GLN B 39 17.46 3.01 -31.05
C GLN B 39 16.95 1.72 -31.68
N PHE B 40 17.59 0.61 -31.34
CA PHE B 40 17.20 -0.72 -31.83
C PHE B 40 15.75 -1.01 -31.53
N LEU B 41 15.41 -1.16 -30.25
CA LEU B 41 14.06 -1.51 -29.83
C LEU B 41 13.01 -0.49 -30.29
N LYS B 42 13.45 0.72 -30.63
CA LYS B 42 12.56 1.80 -31.04
C LYS B 42 11.79 1.46 -32.31
N GLU B 43 12.52 1.00 -33.33
CA GLU B 43 11.88 0.66 -34.60
C GLU B 43 11.47 -0.82 -34.62
N GLN B 44 11.91 -1.57 -33.62
CA GLN B 44 11.49 -2.96 -33.48
C GLN B 44 10.13 -3.03 -32.77
N ASN B 45 9.61 -1.86 -32.42
CA ASN B 45 8.37 -1.72 -31.67
C ASN B 45 8.39 -2.54 -30.39
N VAL B 46 9.51 -2.51 -29.68
CA VAL B 46 9.64 -3.23 -28.41
C VAL B 46 9.76 -2.24 -27.24
N GLU B 47 8.93 -2.44 -26.23
CA GLU B 47 8.82 -1.50 -25.12
C GLU B 47 10.04 -1.51 -24.21
N PHE B 48 10.48 -0.31 -23.82
CA PHE B 48 11.71 -0.16 -23.04
C PHE B 48 11.49 0.61 -21.73
N TYR B 49 11.46 -0.13 -20.62
CA TYR B 49 11.33 0.46 -19.29
C TYR B 49 12.59 0.21 -18.47
N PHE B 50 13.08 1.25 -17.79
CA PHE B 50 14.28 1.13 -16.97
C PHE B 50 13.98 1.45 -15.49
N ALA B 51 13.87 0.41 -14.68
CA ALA B 51 13.48 0.55 -13.28
C ALA B 51 14.69 0.62 -12.37
N LEU B 52 14.66 1.57 -11.44
CA LEU B 52 15.82 1.84 -10.58
C LEU B 52 15.49 1.78 -9.10
N PRO B 53 15.44 0.57 -8.53
CA PRO B 53 15.33 0.42 -7.08
C PRO B 53 16.42 1.21 -6.35
N PRO B 54 16.08 1.81 -5.22
CA PRO B 54 17.06 2.64 -4.52
C PRO B 54 18.11 1.79 -3.81
N SER B 55 19.38 2.06 -4.08
CA SER B 55 20.47 1.42 -3.34
C SER B 55 20.30 1.74 -1.85
N LYS B 56 20.68 0.81 -0.98
CA LYS B 56 20.55 1.04 0.44
C LYS B 56 21.36 2.26 0.87
N THR B 57 22.47 2.51 0.17
CA THR B 57 23.31 3.66 0.51
C THR B 57 22.73 4.96 -0.02
N ASN B 58 21.87 4.89 -1.04
CA ASN B 58 21.14 6.09 -1.44
C ASN B 58 19.97 6.32 -0.48
N ALA B 59 19.14 5.30 -0.28
CA ALA B 59 17.93 5.50 0.52
C ALA B 59 18.25 5.76 1.97
N LEU B 60 19.34 5.19 2.46
CA LEU B 60 19.70 5.45 3.85
C LEU B 60 20.94 6.36 4.02
N SER B 61 21.23 7.21 3.02
CA SER B 61 22.41 8.09 3.13
C SER B 61 22.29 9.06 4.31
N PHE B 62 21.06 9.39 4.68
CA PHE B 62 20.81 10.21 5.87
C PHE B 62 21.40 9.61 7.16
N LYS B 63 21.73 8.31 7.15
CA LYS B 63 22.29 7.68 8.34
C LYS B 63 23.81 7.94 8.49
N LEU B 64 24.45 8.43 7.44
CA LEU B 64 25.84 8.86 7.54
C LEU B 64 25.91 10.24 8.21
N PRO B 65 26.93 10.45 9.06
CA PRO B 65 27.17 11.77 9.65
C PRO B 65 27.27 12.86 8.58
N SER B 66 26.86 14.08 8.92
CA SER B 66 26.79 15.17 7.96
C SER B 66 28.15 15.55 7.37
N HIS B 67 29.22 15.29 8.12
CA HIS B 67 30.59 15.59 7.67
C HIS B 67 31.05 14.64 6.57
N ILE B 68 30.39 13.49 6.45
CA ILE B 68 30.67 12.54 5.37
C ILE B 68 29.79 12.85 4.15
N HIS B 69 30.38 12.87 2.97
CA HIS B 69 29.63 13.24 1.77
C HIS B 69 29.52 12.11 0.76
N THR B 70 28.37 12.03 0.08
CA THR B 70 28.11 10.98 -0.90
C THR B 70 27.32 11.56 -2.07
N TYR B 71 27.37 10.89 -3.22
CA TYR B 71 26.87 11.49 -4.45
C TYR B 71 25.97 10.55 -5.26
N ALA B 72 25.29 9.64 -4.56
CA ALA B 72 24.38 8.70 -5.20
C ALA B 72 23.35 9.42 -6.06
N GLN B 73 22.81 10.50 -5.51
CA GLN B 73 21.75 11.22 -6.19
C GLN B 73 22.29 12.00 -7.38
N GLU B 74 23.50 12.56 -7.25
CA GLU B 74 24.11 13.28 -8.37
C GLU B 74 24.38 12.32 -9.52
N ASN B 75 24.92 11.15 -9.21
CA ASN B 75 25.18 10.15 -10.23
C ASN B 75 23.90 9.72 -10.91
N LEU B 76 22.86 9.51 -10.11
CA LEU B 76 21.58 9.10 -10.65
C LEU B 76 21.01 10.15 -11.58
N ASN B 77 21.06 11.40 -11.15
CA ASN B 77 20.54 12.51 -11.96
C ASN B 77 21.31 12.67 -13.27
N TYR B 78 22.61 12.41 -13.22
CA TYR B 78 23.44 12.48 -14.42
C TYR B 78 23.03 11.39 -15.37
N PHE B 79 22.97 10.16 -14.85
CA PHE B 79 22.51 9.00 -15.60
C PHE B 79 21.15 9.25 -16.26
N LEU B 80 20.23 9.85 -15.49
CA LEU B 80 18.87 10.07 -15.99
C LEU B 80 18.85 11.18 -17.04
N LYS B 81 19.63 12.23 -16.80
CA LYS B 81 19.77 13.32 -17.75
C LYS B 81 20.34 12.79 -19.07
N LYS B 82 21.61 12.40 -19.04
CA LYS B 82 22.29 11.89 -20.23
C LYS B 82 21.75 10.54 -20.67
N LEU B 83 20.43 10.45 -20.88
CA LEU B 83 19.77 9.17 -21.17
C LEU B 83 18.81 9.29 -22.36
N PRO B 84 18.88 8.33 -23.30
CA PRO B 84 18.03 8.26 -24.50
C PRO B 84 16.55 8.48 -24.21
N ALA B 85 15.90 9.22 -25.10
CA ALA B 85 14.52 9.65 -24.90
C ALA B 85 13.51 8.51 -25.01
N ASP B 86 13.90 7.42 -25.68
CA ASP B 86 12.97 6.32 -25.88
C ASP B 86 13.12 5.24 -24.81
N VAL B 87 13.64 5.65 -23.66
CA VAL B 87 13.61 4.81 -22.47
C VAL B 87 12.73 5.48 -21.44
N LYS B 88 11.85 4.70 -20.81
CA LYS B 88 11.07 5.22 -19.71
C LYS B 88 11.66 4.74 -18.40
N PRO B 89 12.33 5.65 -17.68
CA PRO B 89 12.90 5.33 -16.38
C PRO B 89 11.82 5.33 -15.30
N ILE B 90 11.79 4.28 -14.50
CA ILE B 90 10.96 4.27 -13.31
C ILE B 90 11.85 4.61 -12.10
N LYS B 91 11.68 5.83 -11.59
CA LYS B 91 12.55 6.38 -10.55
C LYS B 91 12.03 6.06 -9.14
N LEU B 92 12.52 4.97 -8.55
CA LEU B 92 11.95 4.50 -7.29
C LEU B 92 12.41 5.35 -6.12
N MET B 93 13.63 5.86 -6.13
CA MET B 93 14.07 6.71 -5.03
C MET B 93 13.28 8.02 -5.00
N GLU B 94 13.01 8.59 -6.16
CA GLU B 94 12.16 9.78 -6.21
C GLU B 94 10.73 9.51 -5.70
N HIS B 95 10.12 8.40 -6.10
CA HIS B 95 8.79 8.03 -5.61
C HIS B 95 8.80 7.85 -4.08
N PHE B 96 9.77 7.11 -3.57
CA PHE B 96 9.88 6.87 -2.13
C PHE B 96 9.94 8.17 -1.34
N LYS B 97 10.86 9.06 -1.74
CA LYS B 97 11.12 10.30 -1.01
C LYS B 97 9.97 11.27 -1.10
N GLN B 98 9.17 11.17 -2.16
CA GLN B 98 7.95 11.96 -2.27
C GLN B 98 6.88 11.55 -1.25
N ASN B 99 6.87 10.28 -0.88
CA ASN B 99 5.74 9.71 -0.14
C ASN B 99 6.05 9.24 1.28
N TYR B 100 7.33 9.10 1.62
CA TYR B 100 7.72 8.57 2.93
C TYR B 100 8.87 9.36 3.55
N THR B 101 8.99 9.30 4.87
CA THR B 101 10.12 9.92 5.59
C THR B 101 11.32 9.00 5.58
N ASN B 102 12.48 9.54 5.93
CA ASN B 102 13.69 8.72 6.06
C ASN B 102 13.47 7.54 7.00
N GLU B 103 12.78 7.77 8.12
CA GLU B 103 12.57 6.73 9.12
C GLU B 103 11.67 5.63 8.58
N GLU B 104 10.68 6.02 7.78
CA GLU B 104 9.80 5.05 7.13
C GLU B 104 10.53 4.26 6.05
N ILE B 105 11.35 4.96 5.26
CA ILE B 105 12.13 4.32 4.21
C ILE B 105 13.12 3.31 4.80
N GLN B 106 13.60 3.58 6.01
CA GLN B 106 14.46 2.64 6.70
C GLN B 106 13.76 1.30 6.97
N ASP B 107 12.46 1.33 7.25
CA ASP B 107 11.69 0.09 7.43
C ASP B 107 11.49 -0.67 6.12
N MET B 108 12.05 -0.15 5.03
CA MET B 108 11.90 -0.84 3.76
C MET B 108 13.17 -1.55 3.37
N TYR B 109 14.14 -1.62 4.29
CA TYR B 109 15.42 -2.28 4.03
C TYR B 109 15.77 -3.26 5.14
N PHE B 110 16.48 -4.32 4.78
CA PHE B 110 17.08 -5.21 5.77
C PHE B 110 18.16 -4.48 6.56
N LYS B 111 18.23 -4.77 7.84
CA LYS B 111 19.23 -4.20 8.72
C LYS B 111 20.64 -4.65 8.32
N THR B 112 20.85 -5.96 8.26
CA THR B 112 22.17 -6.52 8.06
C THR B 112 22.54 -6.75 6.60
N ASP B 113 21.60 -7.29 5.83
CA ASP B 113 21.82 -7.45 4.41
C ASP B 113 21.65 -6.10 3.71
N HIS B 114 22.19 -5.95 2.51
CA HIS B 114 22.22 -4.63 1.86
C HIS B 114 21.11 -4.41 0.81
N HIS B 115 20.17 -5.34 0.72
CA HIS B 115 19.06 -5.20 -0.19
C HIS B 115 17.89 -4.56 0.52
N TRP B 116 16.93 -4.05 -0.25
CA TRP B 116 15.64 -3.73 0.34
C TRP B 116 14.96 -5.03 0.82
N ASN B 117 14.04 -4.90 1.76
CA ASN B 117 13.31 -6.08 2.24
C ASN B 117 12.03 -6.23 1.42
N MET B 118 11.17 -7.17 1.78
CA MET B 118 10.03 -7.50 0.93
C MET B 118 9.04 -6.35 0.89
N ASP B 119 8.92 -5.61 1.99
CA ASP B 119 8.05 -4.44 2.00
C ASP B 119 8.51 -3.34 1.05
N GLY B 120 9.81 -3.06 1.00
CA GLY B 120 10.30 -2.09 0.04
C GLY B 120 10.21 -2.62 -1.38
N ALA B 121 10.52 -3.91 -1.52
CA ALA B 121 10.50 -4.55 -2.82
C ALA B 121 9.08 -4.60 -3.37
N PHE B 122 8.12 -4.92 -2.51
CA PHE B 122 6.74 -5.01 -2.98
C PHE B 122 6.22 -3.66 -3.41
N LEU B 123 6.52 -2.62 -2.64
CA LEU B 123 6.11 -1.27 -2.99
C LEU B 123 6.78 -0.84 -4.29
N GLY B 124 8.03 -1.26 -4.47
CA GLY B 124 8.75 -0.94 -5.68
C GLY B 124 8.07 -1.57 -6.87
N TYR B 125 7.73 -2.85 -6.73
CA TYR B 125 6.99 -3.59 -7.73
C TYR B 125 5.66 -2.92 -8.09
N GLN B 126 4.97 -2.44 -7.07
CA GLN B 126 3.67 -1.81 -7.23
C GLN B 126 3.77 -0.55 -8.08
N TYR B 127 4.80 0.23 -7.83
CA TYR B 127 4.98 1.46 -8.56
C TYR B 127 5.48 1.19 -9.98
N ILE B 128 6.22 0.11 -10.16
CA ILE B 128 6.74 -0.25 -11.48
C ILE B 128 5.61 -0.62 -12.43
N MET B 129 4.65 -1.41 -11.94
CA MET B 129 3.54 -1.85 -12.78
C MET B 129 2.53 -0.73 -12.99
N ASN B 130 2.28 0.05 -11.95
CA ASN B 130 1.40 1.20 -12.06
C ASN B 130 1.90 2.16 -13.14
N THR B 131 3.22 2.26 -13.25
CA THR B 131 3.85 3.08 -14.26
C THR B 131 3.63 2.51 -15.65
N ILE B 132 4.05 1.26 -15.83
CA ILE B 132 3.92 0.58 -17.11
C ILE B 132 2.48 0.56 -17.59
N GLY B 133 1.57 0.14 -16.71
CA GLY B 133 0.15 0.08 -17.03
C GLY B 133 -0.43 1.41 -17.49
N GLN B 134 0.27 2.50 -17.18
CA GLN B 134 -0.14 3.83 -17.57
C GLN B 134 0.51 4.25 -18.89
N GLN B 135 1.66 3.64 -19.21
CA GLN B 135 2.41 4.03 -20.39
C GLN B 135 2.38 3.00 -21.51
N SER B 136 2.13 1.74 -21.16
CA SER B 136 2.17 0.67 -22.15
C SER B 136 0.93 0.63 -23.04
N SER B 137 1.13 0.17 -24.28
CA SER B 137 0.04 -0.08 -25.21
C SER B 137 -0.32 -1.56 -25.18
N ILE B 138 0.68 -2.41 -24.95
CA ILE B 138 0.49 -3.85 -24.92
C ILE B 138 0.23 -4.36 -23.51
N TYR B 139 0.43 -3.51 -22.51
CA TYR B 139 0.13 -3.91 -21.14
C TYR B 139 -0.91 -3.02 -20.46
N LYS B 140 -2.01 -3.65 -20.09
CA LYS B 140 -2.95 -3.11 -19.12
C LYS B 140 -3.30 -4.30 -18.23
N GLY B 141 -4.12 -4.08 -17.20
CA GLY B 141 -4.54 -5.21 -16.39
C GLY B 141 -4.82 -4.88 -14.93
N LYS B 142 -5.11 -5.92 -14.15
CA LYS B 142 -5.46 -5.78 -12.75
C LYS B 142 -4.40 -5.00 -11.98
N GLU B 143 -4.62 -3.68 -11.87
CA GLU B 143 -3.70 -2.78 -11.17
C GLU B 143 -3.28 -3.35 -9.81
N ILE B 144 -2.00 -3.19 -9.49
CA ILE B 144 -1.43 -3.83 -8.31
C ILE B 144 -1.80 -3.11 -7.02
N ALA B 145 -2.59 -3.80 -6.20
CA ALA B 145 -3.04 -3.28 -4.91
C ALA B 145 -2.69 -4.27 -3.80
N ALA B 146 -2.38 -3.75 -2.63
CA ALA B 146 -1.96 -4.57 -1.49
C ALA B 146 -3.03 -5.60 -1.07
N ALA B 147 -4.29 -5.27 -1.33
CA ALA B 147 -5.42 -6.10 -0.91
C ALA B 147 -5.49 -7.42 -1.67
N ASP B 148 -4.85 -7.47 -2.85
CA ASP B 148 -4.89 -8.66 -3.70
C ASP B 148 -3.94 -9.76 -3.21
N TYR B 149 -2.91 -9.37 -2.45
CA TYR B 149 -1.93 -10.30 -1.92
C TYR B 149 -2.11 -10.48 -0.42
N THR B 150 -1.52 -11.54 0.12
CA THR B 150 -1.53 -11.74 1.57
C THR B 150 -0.10 -11.68 2.10
N ARG B 151 0.13 -10.81 3.08
CA ARG B 151 1.47 -10.60 3.62
C ARG B 151 1.70 -11.49 4.84
N THR B 152 2.76 -12.30 4.78
CA THR B 152 3.11 -13.14 5.92
C THR B 152 4.54 -12.87 6.39
N CYS B 153 4.70 -12.73 7.70
CA CYS B 153 5.99 -12.36 8.27
C CYS B 153 6.44 -13.24 9.43
N ALA B 154 7.62 -13.83 9.30
CA ALA B 154 8.29 -14.41 10.46
C ALA B 154 9.04 -13.28 11.14
N GLN B 155 9.08 -13.29 12.47
CA GLN B 155 9.51 -12.10 13.22
C GLN B 155 10.98 -12.06 13.63
N ASN B 156 11.56 -13.19 14.01
CA ASN B 156 12.92 -13.16 14.52
C ASN B 156 13.91 -13.89 13.64
N LYS B 157 13.85 -13.62 12.35
CA LYS B 157 14.80 -14.18 11.40
C LYS B 157 16.08 -13.37 11.40
N HIS B 158 17.19 -14.02 11.09
CA HIS B 158 18.49 -13.37 11.06
C HIS B 158 19.03 -13.40 9.63
N LEU B 159 19.34 -12.23 9.11
CA LEU B 159 19.90 -12.13 7.77
C LEU B 159 21.40 -12.16 7.85
N VAL B 160 22.00 -13.02 7.03
CA VAL B 160 23.44 -12.95 6.85
C VAL B 160 23.77 -12.00 5.70
N GLY B 161 24.65 -11.04 5.96
CA GLY B 161 25.16 -10.19 4.89
C GLY B 161 26.07 -11.02 4.01
N SER B 162 25.89 -10.91 2.69
CA SER B 162 26.69 -11.68 1.76
C SER B 162 27.06 -10.89 0.51
N PHE B 163 28.35 -10.58 0.39
CA PHE B 163 28.82 -9.76 -0.71
C PHE B 163 30.24 -10.18 -1.04
N ASN B 164 30.49 -10.35 -2.34
CA ASN B 164 31.53 -11.25 -2.87
C ASN B 164 31.62 -12.52 -2.02
N ASN B 165 32.81 -12.82 -1.52
CA ASN B 165 33.02 -14.01 -0.71
C ASN B 165 33.21 -13.64 0.74
N GLN B 166 32.36 -12.74 1.23
CA GLN B 166 32.40 -12.30 2.61
C GLN B 166 31.04 -12.52 3.25
N LEU B 167 31.05 -12.98 4.49
CA LEU B 167 29.80 -13.17 5.23
C LEU B 167 29.81 -12.26 6.45
N TYR B 168 28.68 -11.61 6.69
CA TYR B 168 28.55 -10.72 7.84
C TYR B 168 27.36 -11.13 8.69
N GLN B 169 27.55 -11.18 10.00
CA GLN B 169 26.45 -11.46 10.92
C GLN B 169 26.44 -10.52 12.13
N LEU B 170 25.26 -9.97 12.42
CA LEU B 170 25.10 -9.15 13.62
C LEU B 170 24.49 -9.97 14.75
N ILE B 171 25.21 -10.16 15.83
CA ILE B 171 24.66 -10.83 17.01
C ILE B 171 23.55 -9.99 17.63
N ASP B 172 22.33 -10.47 17.50
CA ASP B 172 21.18 -9.72 17.94
C ASP B 172 19.98 -10.63 18.15
N ALA B 173 19.56 -10.78 19.40
CA ALA B 173 18.48 -11.72 19.77
C ALA B 173 17.16 -11.42 19.04
N ASN B 174 16.92 -10.14 18.78
CA ASN B 174 15.70 -9.70 18.08
C ASN B 174 15.55 -10.32 16.69
N GLY B 175 16.61 -10.24 15.89
CA GLY B 175 16.50 -10.62 14.50
C GLY B 175 15.58 -9.61 13.81
N GLU B 176 15.09 -9.95 12.63
CA GLU B 176 14.22 -9.01 11.92
C GLU B 176 13.12 -9.68 11.11
N LYS B 177 12.16 -8.85 10.70
CA LYS B 177 11.04 -9.28 9.87
C LYS B 177 11.47 -9.85 8.54
N LEU B 178 10.99 -11.05 8.25
CA LEU B 178 11.12 -11.60 6.92
C LEU B 178 9.73 -11.82 6.33
N CYS B 179 9.45 -11.16 5.22
CA CYS B 179 8.09 -11.09 4.71
C CYS B 179 7.93 -11.69 3.31
N TYR B 180 6.71 -12.12 3.01
CA TYR B 180 6.33 -12.56 1.68
C TYR B 180 4.98 -11.98 1.32
N TYR B 181 4.83 -11.61 0.07
CA TYR B 181 3.54 -11.24 -0.49
C TYR B 181 3.14 -12.29 -1.51
N THR B 182 2.13 -13.07 -1.15
CA THR B 182 1.66 -14.18 -1.97
C THR B 182 0.22 -13.94 -2.42
N PRO B 183 -0.01 -13.98 -3.74
CA PRO B 183 -1.31 -13.69 -4.36
C PRO B 183 -2.45 -14.47 -3.71
N LYS B 184 -3.65 -13.93 -3.83
CA LYS B 184 -4.83 -14.48 -3.17
C LYS B 184 -5.08 -15.95 -3.58
N ASP B 185 -5.12 -16.22 -4.88
CA ASP B 185 -5.32 -17.58 -5.37
C ASP B 185 -4.06 -18.43 -5.20
N GLY B 186 -2.91 -17.77 -5.33
CA GLY B 186 -1.62 -18.42 -5.21
C GLY B 186 -0.77 -18.08 -6.42
N PHE B 187 0.50 -18.48 -6.40
CA PHE B 187 1.33 -18.30 -7.59
C PHE B 187 1.10 -19.48 -8.54
N ASN B 188 0.28 -19.27 -9.55
CA ASN B 188 -0.10 -20.34 -10.47
C ASN B 188 0.48 -20.14 -11.85
N PHE B 189 1.75 -20.47 -12.01
CA PHE B 189 2.43 -20.32 -13.28
C PHE B 189 2.33 -21.62 -14.07
N THR B 190 2.23 -21.49 -15.39
CA THR B 190 2.15 -22.66 -16.27
C THR B 190 3.42 -23.50 -16.11
N SER B 191 4.58 -22.87 -16.25
CA SER B 191 5.84 -23.55 -15.98
C SER B 191 6.91 -22.59 -15.45
N VAL B 192 7.73 -23.10 -14.53
CA VAL B 192 8.85 -22.32 -14.02
C VAL B 192 10.12 -23.14 -14.16
N THR B 193 11.02 -22.68 -15.02
CA THR B 193 12.28 -23.37 -15.27
C THR B 193 13.46 -22.40 -15.23
N ALA B 194 14.55 -22.82 -14.60
CA ALA B 194 15.75 -22.01 -14.50
C ALA B 194 17.01 -22.86 -14.31
N LYS B 195 18.05 -22.56 -15.09
CA LYS B 195 19.32 -23.26 -14.96
C LYS B 195 20.27 -22.45 -14.09
N ASP B 196 20.85 -23.06 -13.05
CA ASP B 196 21.74 -22.33 -12.17
C ASP B 196 23.14 -22.17 -12.78
N VAL B 197 24.06 -21.63 -11.98
CA VAL B 197 25.39 -21.28 -12.46
C VAL B 197 26.29 -22.51 -12.53
N GLN B 198 25.81 -23.64 -12.03
CA GLN B 198 26.50 -24.91 -12.24
C GLN B 198 25.98 -25.58 -13.52
N GLY B 199 24.68 -25.48 -13.73
CA GLY B 199 24.06 -26.04 -14.92
C GLY B 199 22.78 -26.78 -14.59
N THR B 200 22.66 -27.22 -13.34
CA THR B 200 21.47 -27.94 -12.87
C THR B 200 20.18 -27.16 -13.11
N VAL B 201 19.31 -27.70 -13.96
CA VAL B 201 18.07 -27.00 -14.31
C VAL B 201 17.01 -27.21 -13.24
N HIS B 202 16.44 -26.09 -12.77
CA HIS B 202 15.43 -26.12 -11.72
C HIS B 202 14.03 -25.96 -12.30
N GLN B 203 13.08 -26.72 -11.74
CA GLN B 203 11.69 -26.63 -12.14
C GLN B 203 10.85 -26.28 -10.92
N ASN B 204 9.66 -25.72 -11.18
CA ASN B 204 8.73 -25.23 -10.14
C ASN B 204 9.26 -23.98 -9.43
N LEU B 205 8.34 -23.16 -8.96
CA LEU B 205 8.69 -21.95 -8.23
C LEU B 205 9.32 -22.31 -6.88
N ASP B 206 8.96 -23.47 -6.36
CA ASP B 206 9.46 -23.92 -5.06
C ASP B 206 10.90 -24.38 -5.07
N GLU B 207 11.55 -24.33 -6.23
CA GLU B 207 12.94 -24.76 -6.30
C GLU B 207 13.87 -23.57 -6.42
N ILE B 208 13.30 -22.39 -6.67
CA ILE B 208 14.09 -21.19 -6.86
C ILE B 208 13.72 -20.02 -5.93
N TYR B 209 12.49 -19.98 -5.43
CA TYR B 209 12.02 -18.84 -4.65
C TYR B 209 11.55 -19.22 -3.25
N GLY B 210 12.24 -18.72 -2.23
CA GLY B 210 11.85 -18.99 -0.86
C GLY B 210 12.26 -20.38 -0.43
N VAL B 211 13.21 -20.94 -1.18
CA VAL B 211 13.78 -22.24 -0.88
C VAL B 211 14.12 -22.38 0.60
N GLU B 212 14.61 -21.32 1.23
CA GLU B 212 15.00 -21.46 2.64
C GLU B 212 14.14 -20.65 3.59
N ALA B 213 12.85 -20.51 3.29
CA ALA B 213 11.98 -19.67 4.10
C ALA B 213 11.96 -20.10 5.56
N ALA B 214 12.24 -21.38 5.79
CA ALA B 214 12.08 -21.96 7.11
C ALA B 214 13.31 -21.80 7.98
N ALA B 215 14.46 -21.56 7.36
CA ALA B 215 15.71 -21.38 8.12
C ALA B 215 15.58 -20.27 9.15
N ASP B 216 16.31 -20.36 10.25
CA ASP B 216 16.28 -19.33 11.27
C ASP B 216 17.30 -18.27 10.91
N THR B 217 18.33 -18.70 10.20
CA THR B 217 19.38 -17.81 9.73
C THR B 217 19.82 -18.22 8.34
N THR B 218 19.68 -17.33 7.38
CA THR B 218 20.33 -17.52 6.09
C THR B 218 20.48 -16.20 5.35
N SER B 219 20.77 -16.31 4.06
CA SER B 219 21.00 -15.15 3.24
C SER B 219 19.74 -14.69 2.50
N TYR B 220 19.78 -13.45 2.05
CA TYR B 220 18.77 -12.90 1.14
C TYR B 220 18.54 -13.83 -0.04
N ALA B 221 19.62 -14.36 -0.61
CA ALA B 221 19.51 -15.30 -1.72
C ALA B 221 18.69 -16.52 -1.30
N GLY B 222 18.96 -17.02 -0.10
CA GLY B 222 18.23 -18.14 0.44
C GLY B 222 16.76 -17.90 0.70
N TYR B 223 16.41 -16.72 1.20
CA TYR B 223 15.02 -16.41 1.53
C TYR B 223 14.19 -16.10 0.28
N TYR B 224 14.87 -15.62 -0.75
CA TYR B 224 14.18 -15.26 -1.98
C TYR B 224 14.74 -16.10 -3.12
N THR B 225 15.60 -15.52 -3.96
CA THR B 225 16.27 -16.33 -4.98
C THR B 225 17.72 -15.96 -5.08
N ASP B 226 18.54 -16.92 -5.51
CA ASP B 226 19.90 -16.60 -5.87
C ASP B 226 19.92 -15.92 -7.23
N ASP B 227 21.10 -15.56 -7.72
CA ASP B 227 21.22 -14.98 -9.04
C ASP B 227 21.43 -16.03 -10.12
N TYR B 228 20.43 -16.21 -10.98
CA TYR B 228 20.48 -17.21 -12.04
C TYR B 228 20.86 -16.60 -13.37
N PRO B 229 21.54 -17.39 -14.22
CA PRO B 229 21.82 -16.97 -15.59
C PRO B 229 20.53 -16.59 -16.31
N GLU B 230 19.56 -17.49 -16.27
CA GLU B 230 18.28 -17.26 -16.92
C GLU B 230 17.14 -17.96 -16.18
N ILE B 231 16.04 -17.23 -15.99
CA ILE B 231 14.83 -17.83 -15.46
C ILE B 231 13.71 -17.61 -16.48
N VAL B 232 13.02 -18.69 -16.81
CA VAL B 232 11.93 -18.64 -17.78
C VAL B 232 10.63 -19.05 -17.13
N ILE B 233 9.66 -18.15 -17.21
CA ILE B 233 8.38 -18.40 -16.58
C ILE B 233 7.27 -18.24 -17.61
N GLU B 234 6.49 -19.30 -17.76
CA GLU B 234 5.33 -19.28 -18.64
C GLU B 234 4.05 -19.15 -17.83
N ASN B 235 3.20 -18.20 -18.22
CA ASN B 235 1.95 -18.01 -17.52
C ASN B 235 0.77 -17.95 -18.48
N ASN B 236 0.14 -19.10 -18.70
CA ASN B 236 -1.05 -19.17 -19.54
C ASN B 236 -2.19 -18.39 -18.90
N ASN B 237 -2.26 -18.47 -17.57
CA ASN B 237 -3.29 -17.77 -16.80
C ASN B 237 -3.24 -16.24 -16.96
N ALA B 238 -2.14 -15.72 -17.50
CA ALA B 238 -1.99 -14.29 -17.66
C ALA B 238 -3.01 -13.70 -18.63
N GLN B 239 -3.51 -12.52 -18.31
CA GLN B 239 -4.55 -11.88 -19.09
C GLN B 239 -4.00 -10.86 -20.07
N ASN B 240 -2.86 -11.18 -20.69
CA ASN B 240 -2.28 -10.36 -21.76
C ASN B 240 -1.28 -11.19 -22.55
N GLU B 241 -0.74 -10.64 -23.63
CA GLU B 241 0.17 -11.41 -24.47
C GLU B 241 1.62 -10.98 -24.31
N VAL B 242 1.89 -10.18 -23.30
CA VAL B 242 3.24 -9.61 -23.11
C VAL B 242 4.30 -10.67 -22.84
N ARG B 243 5.34 -10.67 -23.68
CA ARG B 243 6.49 -11.56 -23.50
C ARG B 243 7.71 -10.75 -23.06
N ALA B 244 7.93 -10.69 -21.75
CA ALA B 244 8.86 -9.70 -21.22
C ALA B 244 10.26 -10.26 -20.96
N LEU B 245 11.24 -9.45 -21.33
CA LEU B 245 12.63 -9.69 -20.93
C LEU B 245 12.97 -8.83 -19.72
N VAL B 246 13.47 -9.45 -18.65
CA VAL B 246 13.84 -8.71 -17.46
C VAL B 246 15.34 -8.82 -17.22
N LEU B 247 16.05 -7.72 -17.47
CA LEU B 247 17.46 -7.62 -17.12
C LEU B 247 17.59 -7.07 -15.71
N LYS B 248 18.25 -7.81 -14.83
CA LYS B 248 18.14 -7.57 -13.40
C LYS B 248 19.45 -7.72 -12.65
N ASP B 249 19.55 -7.07 -11.50
CA ASP B 249 20.58 -7.44 -10.52
C ASP B 249 19.86 -8.08 -9.32
N SER B 250 20.55 -8.20 -8.19
CA SER B 250 19.99 -8.98 -7.07
C SER B 250 18.77 -8.35 -6.42
N PHE B 251 18.56 -7.06 -6.63
CA PHE B 251 17.39 -6.38 -6.07
C PHE B 251 16.07 -6.94 -6.61
N ALA B 252 16.08 -7.47 -7.83
CA ALA B 252 14.87 -7.97 -8.47
C ALA B 252 14.47 -9.34 -7.93
N ASN B 253 15.44 -10.05 -7.38
CA ASN B 253 15.22 -11.40 -6.87
C ASN B 253 13.96 -11.50 -6.02
N ALA B 254 13.70 -10.50 -5.18
CA ALA B 254 12.61 -10.61 -4.21
C ALA B 254 11.24 -10.59 -4.88
N ILE B 255 11.13 -9.92 -6.02
CA ILE B 255 9.83 -9.79 -6.66
C ILE B 255 9.78 -10.43 -8.05
N VAL B 256 10.62 -11.44 -8.28
CA VAL B 256 10.61 -12.14 -9.57
C VAL B 256 9.27 -12.85 -9.83
N PRO B 257 8.75 -13.64 -8.87
CA PRO B 257 7.42 -14.18 -9.16
C PRO B 257 6.37 -13.10 -9.37
N HIS B 258 6.42 -12.05 -8.55
CA HIS B 258 5.43 -10.98 -8.62
C HIS B 258 5.46 -10.29 -9.97
N LEU B 259 6.66 -10.08 -10.49
CA LEU B 259 6.83 -9.48 -11.82
C LEU B 259 6.31 -10.42 -12.91
N ALA B 260 6.64 -11.69 -12.80
CA ALA B 260 6.30 -12.68 -13.81
C ALA B 260 4.80 -12.80 -13.96
N GLN B 261 4.11 -12.78 -12.83
CA GLN B 261 2.66 -12.91 -12.78
C GLN B 261 1.94 -11.87 -13.64
N SER B 262 2.63 -10.77 -13.88
CA SER B 262 2.06 -9.66 -14.64
C SER B 262 2.09 -9.90 -16.16
N PHE B 263 2.75 -10.98 -16.58
CA PHE B 263 2.96 -11.23 -18.01
C PHE B 263 2.61 -12.66 -18.44
N LYS B 264 2.39 -12.82 -19.74
CA LYS B 264 2.14 -14.12 -20.35
C LYS B 264 3.42 -14.94 -20.25
N HIS B 265 4.48 -14.39 -20.81
CA HIS B 265 5.80 -14.98 -20.72
C HIS B 265 6.80 -14.01 -20.10
N THR B 266 7.65 -14.51 -19.21
CA THR B 266 8.68 -13.67 -18.59
C THR B 266 10.06 -14.30 -18.69
N SER B 267 10.98 -13.57 -19.30
CA SER B 267 12.37 -13.99 -19.41
C SER B 267 13.26 -13.14 -18.50
N ILE B 268 13.88 -13.78 -17.51
CA ILE B 268 14.67 -13.06 -16.51
C ILE B 268 16.16 -13.38 -16.60
N LEU B 269 16.96 -12.40 -17.01
CA LEU B 269 18.37 -12.64 -17.17
C LEU B 269 19.22 -11.83 -16.21
N ASP B 270 20.29 -12.43 -15.75
CA ASP B 270 21.34 -11.72 -15.03
C ASP B 270 22.57 -11.77 -15.92
N LEU B 271 22.98 -10.62 -16.44
CA LEU B 271 24.05 -10.54 -17.43
C LEU B 271 25.42 -10.91 -16.88
N ARG B 272 25.51 -11.22 -15.59
CA ARG B 272 26.77 -11.62 -14.98
C ARG B 272 26.92 -13.13 -15.03
N HIS B 273 25.91 -13.79 -15.57
CA HIS B 273 25.84 -15.25 -15.54
C HIS B 273 25.25 -15.83 -16.82
N TYR B 274 24.59 -14.99 -17.61
CA TYR B 274 24.06 -15.43 -18.89
C TYR B 274 25.03 -15.05 -20.00
N HIS B 275 25.55 -16.06 -20.68
CA HIS B 275 26.60 -15.85 -21.66
C HIS B 275 26.30 -16.46 -23.01
N GLU B 276 25.35 -17.36 -23.04
CA GLU B 276 24.97 -18.00 -24.29
C GLU B 276 24.70 -17.12 -25.46
N LYS B 277 23.70 -16.27 -25.37
CA LYS B 277 23.36 -15.41 -26.49
C LYS B 277 23.59 -14.04 -25.94
N ASP B 278 23.95 -13.09 -26.78
CA ASP B 278 23.98 -11.71 -26.32
C ASP B 278 22.54 -11.21 -26.28
N VAL B 279 22.33 -10.01 -25.74
CA VAL B 279 20.98 -9.49 -25.49
C VAL B 279 20.12 -9.48 -26.76
N TYR B 280 20.67 -8.91 -27.83
CA TYR B 280 19.95 -8.79 -29.10
C TYR B 280 19.48 -10.14 -29.62
N GLN B 281 20.41 -11.10 -29.69
CA GLN B 281 20.07 -12.44 -30.17
C GLN B 281 18.91 -13.04 -29.37
N TYR B 282 18.96 -12.86 -28.05
CA TYR B 282 17.93 -13.39 -27.15
C TYR B 282 16.56 -12.78 -27.43
N ILE B 283 16.54 -11.47 -27.62
CA ILE B 283 15.30 -10.74 -27.89
C ILE B 283 14.61 -11.28 -29.14
N GLN B 284 15.41 -11.58 -30.16
CA GLN B 284 14.92 -12.22 -31.38
C GLN B 284 14.25 -13.57 -31.10
N ASP B 285 15.03 -14.48 -30.54
CA ASP B 285 14.63 -15.88 -30.35
C ASP B 285 13.34 -16.06 -29.55
N ASN B 286 13.14 -15.24 -28.53
CA ASN B 286 12.06 -15.50 -27.59
C ASN B 286 10.87 -14.57 -27.74
N ASN B 287 10.83 -13.86 -28.87
CA ASN B 287 9.71 -12.96 -29.18
C ASN B 287 9.46 -11.93 -28.11
N ILE B 288 10.49 -11.17 -27.77
CA ILE B 288 10.39 -10.16 -26.72
C ILE B 288 9.72 -8.87 -27.21
N ASN B 289 8.58 -8.53 -26.61
CA ASN B 289 7.87 -7.30 -26.96
C ASN B 289 8.11 -6.18 -25.94
N MET B 290 8.58 -6.55 -24.75
CA MET B 290 8.85 -5.58 -23.69
C MET B 290 10.13 -5.90 -22.94
N VAL B 291 11.01 -4.91 -22.84
CA VAL B 291 12.25 -5.06 -22.10
C VAL B 291 12.27 -4.15 -20.86
N LEU B 292 12.43 -4.79 -19.70
CA LEU B 292 12.41 -4.10 -18.42
C LEU B 292 13.72 -4.28 -17.68
N PHE B 293 14.43 -3.18 -17.46
CA PHE B 293 15.62 -3.21 -16.61
C PHE B 293 15.22 -3.10 -15.14
N VAL B 294 15.82 -3.92 -14.29
CA VAL B 294 15.71 -3.72 -12.85
C VAL B 294 17.11 -3.67 -12.23
N TYR B 295 17.68 -2.47 -12.18
CA TYR B 295 19.01 -2.27 -11.61
C TYR B 295 18.95 -1.30 -10.44
N SER B 296 19.68 -1.61 -9.38
CA SER B 296 19.89 -0.69 -8.28
C SER B 296 20.40 0.63 -8.81
N ASP B 297 19.99 1.75 -8.21
CA ASP B 297 20.36 3.06 -8.75
C ASP B 297 21.81 3.44 -8.46
N SER B 298 22.58 2.45 -7.99
CA SER B 298 24.02 2.57 -7.80
C SER B 298 24.73 1.81 -8.90
N ASN B 299 23.99 0.96 -9.59
CA ASN B 299 24.53 0.16 -10.66
C ASN B 299 24.26 0.84 -12.00
N LEU B 300 24.96 1.96 -12.23
CA LEU B 300 24.65 2.84 -13.36
C LEU B 300 25.65 2.73 -14.51
N SER B 301 26.79 2.08 -14.27
CA SER B 301 27.73 1.77 -15.34
C SER B 301 28.42 0.45 -15.07
N GLY B 302 29.43 0.12 -15.86
CA GLY B 302 30.20 -1.09 -15.63
C GLY B 302 29.75 -2.27 -16.45
N ASP B 303 30.07 -3.47 -15.96
CA ASP B 303 29.96 -4.71 -16.74
C ASP B 303 28.54 -5.22 -16.97
N MET B 304 27.54 -4.61 -16.35
CA MET B 304 26.17 -5.07 -16.56
C MET B 304 25.51 -4.26 -17.68
N PHE B 305 26.34 -3.54 -18.43
CA PHE B 305 25.86 -2.77 -19.56
C PHE B 305 26.53 -3.20 -20.88
N LYS B 306 26.90 -4.48 -20.96
CA LYS B 306 27.46 -5.05 -22.19
C LYS B 306 26.43 -5.95 -22.87
N PHE B 307 25.78 -5.43 -23.91
CA PHE B 307 24.69 -6.17 -24.57
C PHE B 307 25.10 -6.79 -25.91
N LYS B 308 26.20 -6.30 -26.50
CA LYS B 308 26.67 -6.83 -27.78
C LYS B 308 28.01 -7.55 -27.62
C1 CIT C . -17.80 8.23 16.25
O1 CIT C . -18.34 8.79 17.24
O2 CIT C . -18.02 8.75 15.14
C2 CIT C . -16.94 6.98 16.30
C3 CIT C . -16.79 6.20 17.62
O7 CIT C . -17.31 4.87 17.38
C4 CIT C . -15.33 6.10 18.00
C5 CIT C . -14.98 4.70 18.49
O3 CIT C . -14.85 3.76 17.68
O4 CIT C . -14.83 4.49 19.73
C6 CIT C . -17.50 6.80 18.83
O5 CIT C . -18.74 6.65 19.02
O6 CIT C . -16.83 7.48 19.62
C1 CIT D . 1.43 0.59 8.14
O1 CIT D . 0.60 0.62 7.19
O2 CIT D . 1.54 1.59 8.89
C2 CIT D . 2.28 -0.65 8.37
C3 CIT D . 3.24 -0.90 7.20
O7 CIT D . 4.33 -1.76 7.66
C4 CIT D . 2.61 -1.56 5.97
C5 CIT D . 3.70 -2.18 5.11
O3 CIT D . 4.77 -2.56 5.65
O4 CIT D . 3.57 -2.29 3.87
C6 CIT D . 3.75 0.46 6.72
O5 CIT D . 3.57 0.77 5.52
O6 CIT D . 4.30 1.26 7.50
NA NA E . 1.40 -10.83 9.01
C1 PEG F . -10.42 -1.78 34.52
O1 PEG F . -9.43 -1.79 35.53
C2 PEG F . -11.75 -1.36 35.13
O2 PEG F . -12.69 -1.28 34.11
C3 PEG F . -13.98 -0.90 34.54
C4 PEG F . -14.17 0.60 34.37
O4 PEG F . -14.10 1.21 35.64
C1 PEG G . -6.09 20.75 2.64
O1 PEG G . -5.71 21.83 1.82
C2 PEG G . -4.89 19.83 2.89
O2 PEG G . -4.83 18.81 1.93
C3 PEG G . -3.56 18.22 1.85
C4 PEG G . -3.05 18.21 0.41
O4 PEG G . -1.78 18.79 0.34
C1 CIT H . 23.71 -6.58 -6.58
O1 CIT H . 24.16 -7.55 -5.94
O2 CIT H . 23.51 -6.72 -7.81
C2 CIT H . 23.33 -5.27 -5.89
C3 CIT H . 24.50 -4.32 -5.59
O7 CIT H . 24.37 -3.13 -6.41
C4 CIT H . 24.44 -3.91 -4.12
C5 CIT H . 24.12 -2.43 -3.95
O3 CIT H . 23.07 -1.94 -4.41
O4 CIT H . 24.94 -1.70 -3.35
C6 CIT H . 25.88 -4.92 -5.81
O5 CIT H . 26.24 -6.00 -5.27
O6 CIT H . 26.70 -4.32 -6.57
C1 PEG I . 2.55 3.56 4.68
O1 PEG I . 1.63 2.72 5.34
C2 PEG I . 3.35 4.37 5.70
O2 PEG I . 4.43 3.66 6.26
C3 PEG I . 5.48 3.38 5.37
C4 PEG I . 6.58 2.57 6.05
O4 PEG I . 6.91 1.47 5.24
#